data_7PDU
#
_entry.id   7PDU
#
loop_
_entity.id
_entity.type
_entity.pdbx_description
1 polymer '10-23 DNAzyme (33-MER)'
2 polymer 'RNA target (19-MER)'
#
loop_
_entity_poly.entity_id
_entity_poly.type
_entity_poly.pdbx_seq_one_letter_code
_entity_poly.pdbx_strand_id
1 'polydeoxyribonucleotide'
;(DT)(DT)(DG)(DG)(DG)(DG)(DT)(DA)(DA)(DG)(DG)(DC)(DT)(DC)(DG)(DC)(DT)(DA)(DC)(DA)
(DA)(DC)(DG)(DA)(DG)(DG)(DT)(DG)(DC)(DA)(DT)(DG)(DT)
;
A
2 'polyribonucleotide' ACAUGCACCGUUACCCCAA B
#